data_2MM5
#
_entry.id   2MM5
#
_entity_poly.entity_id   1
_entity_poly.type   'polypeptide(L)'
_entity_poly.pdbx_seq_one_letter_code
;CVPQYGVCDGIINQCCDPYYCSPPIYGHCI
;
_entity_poly.pdbx_strand_id   A
#
# COMPACT_ATOMS: atom_id res chain seq x y z
N CYS A 1 8.71 3.12 -2.90
CA CYS A 1 7.45 3.15 -2.16
C CYS A 1 6.31 3.65 -3.06
N VAL A 2 5.13 3.09 -2.86
CA VAL A 2 3.96 3.47 -3.65
C VAL A 2 3.19 4.60 -2.96
N PRO A 3 2.77 5.58 -3.77
CA PRO A 3 2.01 6.75 -3.26
C PRO A 3 0.60 6.37 -2.82
N GLN A 4 -0.34 6.42 -3.76
CA GLN A 4 -1.72 6.08 -3.46
C GLN A 4 -2.43 5.53 -4.70
N TYR A 5 -3.39 4.64 -4.48
CA TYR A 5 -4.12 4.04 -5.58
C TYR A 5 -3.22 3.15 -6.43
N GLY A 6 -2.04 2.85 -5.91
CA GLY A 6 -1.10 2.00 -6.63
C GLY A 6 -1.11 0.57 -6.14
N VAL A 7 -1.54 -0.34 -7.00
CA VAL A 7 -1.61 -1.75 -6.66
C VAL A 7 -0.32 -2.20 -5.96
N CYS A 8 -0.39 -2.39 -4.66
CA CYS A 8 0.77 -2.82 -3.87
C CYS A 8 0.47 -4.12 -3.14
N ASP A 9 1.50 -4.70 -2.53
CA ASP A 9 1.35 -5.94 -1.78
C ASP A 9 2.44 -6.08 -0.73
N GLY A 10 2.03 -6.15 0.54
CA GLY A 10 2.98 -6.28 1.62
C GLY A 10 2.38 -5.88 2.96
N ILE A 11 3.16 -6.08 4.03
CA ILE A 11 2.70 -5.74 5.38
C ILE A 11 3.45 -4.52 5.91
N ILE A 12 4.76 -4.49 5.68
CA ILE A 12 5.58 -3.38 6.16
C ILE A 12 6.08 -2.53 4.98
N ASN A 13 6.78 -3.16 4.05
CA ASN A 13 7.29 -2.47 2.88
C ASN A 13 6.52 -2.85 1.63
N GLN A 14 5.89 -1.86 0.99
CA GLN A 14 5.11 -2.09 -0.21
C GLN A 14 4.50 -0.79 -0.73
N CYS A 15 4.20 0.12 0.19
CA CYS A 15 3.61 1.40 -0.17
C CYS A 15 4.40 2.55 0.43
N CYS A 16 3.80 3.74 0.46
CA CYS A 16 4.45 4.92 1.01
C CYS A 16 3.50 5.71 1.90
N ASP A 17 3.97 6.05 3.10
CA ASP A 17 3.16 6.81 4.04
C ASP A 17 2.93 8.24 3.54
N PRO A 18 1.89 8.89 4.09
CA PRO A 18 1.02 8.30 5.10
C PRO A 18 0.15 7.19 4.52
N TYR A 19 0.14 7.07 3.20
CA TYR A 19 -0.66 6.05 2.53
C TYR A 19 -0.09 4.66 2.78
N TYR A 20 -0.89 3.64 2.52
CA TYR A 20 -0.48 2.26 2.72
C TYR A 20 -1.53 1.29 2.18
N CYS A 21 -1.05 0.15 1.66
CA CYS A 21 -1.96 -0.86 1.11
C CYS A 21 -3.11 -1.15 2.07
N SER A 22 -4.28 -1.44 1.52
CA SER A 22 -5.45 -1.73 2.33
C SER A 22 -6.69 -1.91 1.45
N PRO A 23 -7.80 -2.35 2.06
CA PRO A 23 -7.83 -2.68 3.49
C PRO A 23 -7.01 -3.93 3.82
N PRO A 24 -6.96 -4.86 2.88
CA PRO A 24 -6.21 -6.12 3.05
C PRO A 24 -4.71 -5.90 3.05
N ILE A 25 -3.96 -6.97 2.86
CA ILE A 25 -2.50 -6.90 2.84
C ILE A 25 -1.98 -6.71 1.42
N TYR A 26 -2.63 -7.38 0.46
CA TYR A 26 -2.23 -7.30 -0.94
C TYR A 26 -3.32 -6.64 -1.77
N GLY A 27 -3.34 -5.30 -1.77
CA GLY A 27 -4.34 -4.58 -2.53
C GLY A 27 -3.82 -3.25 -3.05
N HIS A 28 -4.48 -2.16 -2.66
CA HIS A 28 -4.08 -0.84 -3.09
C HIS A 28 -3.79 0.06 -1.89
N CYS A 29 -2.90 1.03 -2.09
CA CYS A 29 -2.53 1.96 -1.02
C CYS A 29 -3.63 2.98 -0.78
N ILE A 30 -3.76 3.43 0.47
CA ILE A 30 -4.78 4.40 0.83
C ILE A 30 -4.18 5.53 1.66
N CYS A 1 8.69 3.12 -2.87
CA CYS A 1 7.42 3.18 -2.17
C CYS A 1 6.32 3.70 -3.09
N VAL A 2 5.09 3.27 -2.83
CA VAL A 2 3.94 3.68 -3.62
C VAL A 2 3.13 4.76 -2.90
N PRO A 3 2.71 5.79 -3.66
CA PRO A 3 1.92 6.89 -3.10
C PRO A 3 0.51 6.46 -2.74
N GLN A 4 -0.40 6.53 -3.70
CA GLN A 4 -1.79 6.15 -3.48
C GLN A 4 -2.41 5.59 -4.75
N TYR A 5 -3.39 4.70 -4.57
CA TYR A 5 -4.06 4.07 -5.71
C TYR A 5 -3.09 3.21 -6.52
N GLY A 6 -2.07 2.69 -5.84
CA GLY A 6 -1.09 1.86 -6.52
C GLY A 6 -1.07 0.43 -5.98
N VAL A 7 -1.36 -0.53 -6.86
CA VAL A 7 -1.39 -1.93 -6.47
C VAL A 7 -0.11 -2.31 -5.70
N CYS A 8 -0.30 -2.79 -4.48
CA CYS A 8 0.82 -3.19 -3.65
C CYS A 8 0.50 -4.47 -2.87
N ASP A 9 1.54 -5.12 -2.35
CA ASP A 9 1.37 -6.35 -1.59
C ASP A 9 2.53 -6.54 -0.61
N GLY A 10 2.22 -6.44 0.68
CA GLY A 10 3.23 -6.60 1.70
C GLY A 10 3.01 -5.71 2.90
N ILE A 11 3.56 -6.10 4.05
CA ILE A 11 3.41 -5.34 5.27
C ILE A 11 4.73 -4.72 5.70
N ILE A 12 5.83 -5.40 5.37
CA ILE A 12 7.16 -4.92 5.72
C ILE A 12 7.55 -3.72 4.87
N ASN A 13 7.10 -3.71 3.63
CA ASN A 13 7.41 -2.61 2.70
C ASN A 13 6.71 -2.82 1.37
N GLN A 14 6.24 -1.72 0.78
CA GLN A 14 5.55 -1.78 -0.50
C GLN A 14 4.99 -0.41 -0.89
N CYS A 15 4.12 0.12 -0.03
CA CYS A 15 3.51 1.42 -0.27
C CYS A 15 4.34 2.54 0.37
N CYS A 16 3.75 3.73 0.45
CA CYS A 16 4.42 4.87 1.04
C CYS A 16 3.48 5.64 1.97
N ASP A 17 3.95 5.90 3.19
CA ASP A 17 3.14 6.62 4.17
C ASP A 17 2.96 8.08 3.76
N PRO A 18 1.93 8.73 4.34
CA PRO A 18 1.04 8.10 5.31
C PRO A 18 0.14 7.04 4.69
N TYR A 19 0.15 6.97 3.35
CA TYR A 19 -0.68 6.01 2.63
C TYR A 19 -0.13 4.60 2.81
N TYR A 20 -0.97 3.61 2.51
CA TYR A 20 -0.58 2.21 2.63
C TYR A 20 -1.67 1.29 2.09
N CYS A 21 -1.26 0.18 1.50
CA CYS A 21 -2.20 -0.79 0.95
C CYS A 21 -3.34 -1.06 1.92
N SER A 22 -4.53 -1.32 1.38
CA SER A 22 -5.70 -1.59 2.20
C SER A 22 -6.94 -1.81 1.33
N PRO A 23 -8.03 -2.26 1.96
CA PRO A 23 -8.06 -2.54 3.40
C PRO A 23 -7.21 -3.76 3.77
N PRO A 24 -7.16 -4.74 2.85
CA PRO A 24 -6.40 -5.98 3.06
C PRO A 24 -4.89 -5.73 3.04
N ILE A 25 -4.13 -6.80 2.86
CA ILE A 25 -2.68 -6.71 2.82
C ILE A 25 -2.17 -6.55 1.39
N TYR A 26 -2.78 -7.30 0.48
CA TYR A 26 -2.39 -7.24 -0.93
C TYR A 26 -3.48 -6.56 -1.77
N GLY A 27 -3.51 -5.23 -1.72
CA GLY A 27 -4.49 -4.48 -2.47
C GLY A 27 -3.93 -3.18 -3.03
N HIS A 28 -4.59 -2.08 -2.71
CA HIS A 28 -4.16 -0.77 -3.18
C HIS A 28 -3.86 0.17 -2.01
N CYS A 29 -2.90 1.05 -2.19
CA CYS A 29 -2.51 2.00 -1.15
C CYS A 29 -3.64 2.97 -0.86
N ILE A 30 -3.75 3.39 0.40
CA ILE A 30 -4.80 4.32 0.80
C ILE A 30 -4.24 5.41 1.72
N CYS A 1 8.70 3.17 -2.72
CA CYS A 1 7.42 3.21 -2.04
C CYS A 1 6.31 3.66 -2.99
N VAL A 2 5.14 3.04 -2.86
CA VAL A 2 4.00 3.37 -3.70
C VAL A 2 3.15 4.46 -3.07
N PRO A 3 2.71 5.43 -3.90
CA PRO A 3 1.88 6.55 -3.44
C PRO A 3 0.47 6.10 -3.06
N GLN A 4 -0.43 6.18 -4.03
CA GLN A 4 -1.82 5.78 -3.80
C GLN A 4 -2.42 5.18 -5.06
N TYR A 5 -3.30 4.20 -4.89
CA TYR A 5 -3.95 3.53 -6.00
C TYR A 5 -2.93 2.90 -6.93
N GLY A 6 -1.76 2.56 -6.37
CA GLY A 6 -0.71 1.96 -7.16
C GLY A 6 -0.64 0.45 -6.97
N VAL A 7 -1.78 -0.16 -6.67
CA VAL A 7 -1.84 -1.61 -6.46
C VAL A 7 -0.57 -2.12 -5.78
N CYS A 8 -0.52 -1.98 -4.46
CA CYS A 8 0.64 -2.44 -3.69
C CYS A 8 0.34 -3.76 -3.00
N ASP A 9 1.38 -4.36 -2.43
CA ASP A 9 1.23 -5.63 -1.72
C ASP A 9 2.34 -5.81 -0.69
N GLY A 10 1.96 -5.84 0.58
CA GLY A 10 2.94 -6.01 1.64
C GLY A 10 2.48 -5.42 2.96
N ILE A 11 3.10 -5.84 4.05
CA ILE A 11 2.75 -5.34 5.37
C ILE A 11 3.80 -4.37 5.89
N ILE A 12 5.07 -4.73 5.73
CA ILE A 12 6.17 -3.89 6.18
C ILE A 12 6.51 -2.82 5.14
N ASN A 13 6.98 -3.27 3.98
CA ASN A 13 7.34 -2.36 2.90
C ASN A 13 6.62 -2.73 1.60
N GLN A 14 5.94 -1.77 1.00
CA GLN A 14 5.22 -2.00 -0.24
C GLN A 14 4.56 -0.72 -0.73
N CYS A 15 4.13 0.13 0.21
CA CYS A 15 3.49 1.39 -0.13
C CYS A 15 4.26 2.57 0.44
N CYS A 16 3.63 3.74 0.45
CA CYS A 16 4.26 4.95 0.97
C CYS A 16 3.28 5.74 1.84
N ASP A 17 3.77 6.25 2.97
CA ASP A 17 2.95 7.02 3.87
C ASP A 17 2.38 8.26 3.19
N PRO A 18 1.25 8.77 3.69
CA PRO A 18 0.58 8.18 4.86
C PRO A 18 -0.05 6.82 4.53
N TYR A 19 -0.12 6.49 3.24
CA TYR A 19 -0.70 5.24 2.80
C TYR A 19 0.13 4.06 3.28
N TYR A 20 -0.41 2.85 3.12
CA TYR A 20 0.28 1.64 3.54
C TYR A 20 -0.48 0.39 3.10
N CYS A 21 -1.13 0.50 1.94
CA CYS A 21 -1.89 -0.62 1.40
C CYS A 21 -3.09 -0.96 2.29
N SER A 22 -4.24 -1.17 1.67
CA SER A 22 -5.45 -1.49 2.42
C SER A 22 -6.66 -1.58 1.48
N PRO A 23 -7.80 -2.03 2.02
CA PRO A 23 -7.90 -2.44 3.43
C PRO A 23 -7.13 -3.72 3.72
N PRO A 24 -7.09 -4.63 2.73
CA PRO A 24 -6.37 -5.90 2.85
C PRO A 24 -4.87 -5.74 2.91
N ILE A 25 -4.14 -6.82 2.66
CA ILE A 25 -2.68 -6.79 2.68
C ILE A 25 -2.12 -6.60 1.27
N TYR A 26 -2.78 -7.20 0.28
CA TYR A 26 -2.33 -7.10 -1.10
C TYR A 26 -3.41 -6.42 -1.96
N GLY A 27 -3.49 -5.10 -1.86
CA GLY A 27 -4.47 -4.36 -2.63
C GLY A 27 -3.93 -3.02 -3.11
N HIS A 28 -4.58 -1.94 -2.68
CA HIS A 28 -4.17 -0.60 -3.07
C HIS A 28 -3.71 0.20 -1.86
N CYS A 29 -2.83 1.17 -2.09
CA CYS A 29 -2.32 2.02 -1.01
C CYS A 29 -3.39 3.00 -0.54
N ILE A 30 -3.65 3.00 0.76
CA ILE A 30 -4.64 3.89 1.34
C ILE A 30 -4.11 4.56 2.61
N CYS A 1 8.74 3.13 -2.80
CA CYS A 1 7.45 3.19 -2.12
C CYS A 1 6.35 3.69 -3.07
N VAL A 2 5.11 3.31 -2.77
CA VAL A 2 3.98 3.71 -3.60
C VAL A 2 3.15 4.79 -2.91
N PRO A 3 2.74 5.80 -3.68
CA PRO A 3 1.93 6.92 -3.16
C PRO A 3 0.52 6.49 -2.79
N GLN A 4 -0.38 6.53 -3.76
CA GLN A 4 -1.77 6.15 -3.53
C GLN A 4 -2.39 5.58 -4.80
N TYR A 5 -3.36 4.69 -4.63
CA TYR A 5 -4.04 4.07 -5.76
C TYR A 5 -3.07 3.20 -6.57
N GLY A 6 -2.02 2.74 -5.91
CA GLY A 6 -1.03 1.91 -6.58
C GLY A 6 -1.04 0.48 -6.08
N VAL A 7 -1.41 -0.45 -6.96
CA VAL A 7 -1.46 -1.86 -6.60
C VAL A 7 -0.19 -2.29 -5.87
N CYS A 8 -0.32 -2.64 -4.60
CA CYS A 8 0.82 -3.07 -3.79
C CYS A 8 0.48 -4.33 -3.01
N ASP A 9 1.50 -4.95 -2.41
CA ASP A 9 1.31 -6.16 -1.63
C ASP A 9 2.43 -6.33 -0.61
N GLY A 10 2.07 -6.39 0.67
CA GLY A 10 3.05 -6.55 1.71
C GLY A 10 2.58 -5.99 3.04
N ILE A 11 3.39 -6.18 4.08
CA ILE A 11 3.05 -5.69 5.41
C ILE A 11 4.03 -4.61 5.87
N ILE A 12 5.31 -4.88 5.69
CA ILE A 12 6.35 -3.93 6.08
C ILE A 12 6.59 -2.89 5.00
N ASN A 13 7.12 -3.34 3.86
CA ASN A 13 7.39 -2.46 2.74
C ASN A 13 6.51 -2.79 1.54
N GLN A 14 5.95 -1.77 0.91
CA GLN A 14 5.07 -1.97 -0.24
C GLN A 14 4.56 -0.63 -0.76
N CYS A 15 4.03 0.19 0.14
CA CYS A 15 3.50 1.50 -0.23
C CYS A 15 4.31 2.62 0.41
N CYS A 16 3.74 3.81 0.46
CA CYS A 16 4.41 4.97 1.05
C CYS A 16 3.46 5.75 1.95
N ASP A 17 3.89 6.00 3.18
CA ASP A 17 3.07 6.73 4.15
C ASP A 17 2.87 8.17 3.69
N PRO A 18 1.84 8.83 4.24
CA PRO A 18 0.94 8.21 5.22
C PRO A 18 0.06 7.14 4.60
N TYR A 19 0.07 7.06 3.28
CA TYR A 19 -0.74 6.06 2.57
C TYR A 19 -0.18 4.66 2.78
N TYR A 20 -0.99 3.65 2.47
CA TYR A 20 -0.59 2.26 2.62
C TYR A 20 -1.66 1.32 2.09
N CYS A 21 -1.23 0.20 1.52
CA CYS A 21 -2.14 -0.79 0.98
C CYS A 21 -3.30 -1.05 1.94
N SER A 22 -4.48 -1.31 1.39
CA SER A 22 -5.66 -1.57 2.21
C SER A 22 -6.88 -1.83 1.33
N PRO A 23 -7.97 -2.30 1.95
CA PRO A 23 -8.01 -2.55 3.40
C PRO A 23 -7.15 -3.75 3.80
N PRO A 24 -7.07 -4.75 2.90
CA PRO A 24 -6.29 -5.97 3.14
C PRO A 24 -4.79 -5.70 3.11
N ILE A 25 -4.01 -6.76 2.94
CA ILE A 25 -2.55 -6.65 2.91
C ILE A 25 -2.05 -6.55 1.47
N TYR A 26 -2.73 -7.27 0.56
CA TYR A 26 -2.35 -7.27 -0.84
C TYR A 26 -3.43 -6.60 -1.69
N GLY A 27 -3.43 -5.28 -1.71
CA GLY A 27 -4.41 -4.54 -2.48
C GLY A 27 -3.86 -3.24 -3.03
N HIS A 28 -4.53 -2.13 -2.72
CA HIS A 28 -4.09 -0.82 -3.20
C HIS A 28 -3.82 0.11 -2.02
N CYS A 29 -2.87 1.03 -2.21
CA CYS A 29 -2.51 1.97 -1.16
C CYS A 29 -3.66 2.95 -0.89
N ILE A 30 -3.78 3.38 0.37
CA ILE A 30 -4.84 4.29 0.76
C ILE A 30 -4.30 5.39 1.67
N CYS A 1 8.73 3.13 -2.73
CA CYS A 1 7.44 3.20 -2.05
C CYS A 1 6.35 3.68 -3.02
N VAL A 2 5.14 3.15 -2.84
CA VAL A 2 4.01 3.51 -3.69
C VAL A 2 3.15 4.57 -3.03
N PRO A 3 2.74 5.57 -3.82
CA PRO A 3 1.90 6.67 -3.33
C PRO A 3 0.48 6.22 -3.01
N GLN A 4 -0.41 6.30 -4.00
CA GLN A 4 -1.80 5.91 -3.82
C GLN A 4 -2.36 5.33 -5.12
N TYR A 5 -3.26 4.36 -4.99
CA TYR A 5 -3.88 3.72 -6.14
C TYR A 5 -2.83 3.12 -7.06
N GLY A 6 -1.84 2.46 -6.46
CA GLY A 6 -0.78 1.85 -7.24
C GLY A 6 -0.69 0.34 -7.02
N VAL A 7 -1.83 -0.27 -6.69
CA VAL A 7 -1.87 -1.71 -6.46
C VAL A 7 -0.60 -2.19 -5.78
N CYS A 8 -0.56 -2.06 -4.47
CA CYS A 8 0.61 -2.48 -3.69
C CYS A 8 0.34 -3.82 -2.98
N ASP A 9 1.39 -4.41 -2.43
CA ASP A 9 1.26 -5.68 -1.72
C ASP A 9 2.37 -5.83 -0.70
N GLY A 10 1.99 -5.97 0.58
CA GLY A 10 2.96 -6.12 1.64
C GLY A 10 2.41 -5.73 2.99
N ILE A 11 3.21 -5.94 4.03
CA ILE A 11 2.80 -5.60 5.39
C ILE A 11 3.57 -4.39 5.91
N ILE A 12 4.88 -4.38 5.66
CA ILE A 12 5.72 -3.28 6.11
C ILE A 12 6.21 -2.44 4.93
N ASN A 13 6.89 -3.10 3.99
CA ASN A 13 7.40 -2.41 2.81
C ASN A 13 6.57 -2.77 1.57
N GLN A 14 6.03 -1.74 0.92
CA GLN A 14 5.21 -1.94 -0.27
C GLN A 14 4.65 -0.61 -0.77
N CYS A 15 4.09 0.17 0.15
CA CYS A 15 3.52 1.46 -0.21
C CYS A 15 4.32 2.61 0.41
N CYS A 16 3.72 3.78 0.47
CA CYS A 16 4.38 4.96 1.03
C CYS A 16 3.44 5.73 1.96
N ASP A 17 3.97 6.15 3.10
CA ASP A 17 3.18 6.90 4.08
C ASP A 17 2.61 8.18 3.45
N PRO A 18 1.46 8.62 3.97
CA PRO A 18 0.75 7.92 5.05
C PRO A 18 0.16 6.58 4.61
N TYR A 19 -0.06 6.45 3.31
CA TYR A 19 -0.62 5.23 2.75
C TYR A 19 0.16 4.01 3.22
N TYR A 20 -0.44 2.82 3.06
CA TYR A 20 0.20 1.59 3.48
C TYR A 20 -0.59 0.38 3.00
N CYS A 21 -1.27 0.53 1.87
CA CYS A 21 -2.08 -0.54 1.30
C CYS A 21 -3.24 -0.89 2.23
N SER A 22 -4.39 -1.21 1.64
CA SER A 22 -5.58 -1.57 2.41
C SER A 22 -6.78 -1.74 1.49
N PRO A 23 -7.89 -2.24 2.06
CA PRO A 23 -7.96 -2.59 3.49
C PRO A 23 -7.12 -3.83 3.80
N PRO A 24 -7.05 -4.76 2.85
CA PRO A 24 -6.29 -6.00 3.01
C PRO A 24 -4.78 -5.76 3.02
N ILE A 25 -4.01 -6.82 2.80
CA ILE A 25 -2.56 -6.72 2.77
C ILE A 25 -2.03 -6.53 1.36
N TYR A 26 -2.68 -7.19 0.40
CA TYR A 26 -2.28 -7.10 -0.99
C TYR A 26 -3.38 -6.44 -1.84
N GLY A 27 -3.46 -5.12 -1.76
CA GLY A 27 -4.47 -4.39 -2.52
C GLY A 27 -3.95 -3.08 -3.06
N HIS A 28 -4.61 -1.99 -2.67
CA HIS A 28 -4.22 -0.65 -3.11
C HIS A 28 -3.79 0.21 -1.92
N CYS A 29 -2.88 1.15 -2.19
CA CYS A 29 -2.38 2.04 -1.14
C CYS A 29 -3.46 3.02 -0.71
N ILE A 30 -3.72 3.08 0.60
CA ILE A 30 -4.72 3.98 1.14
C ILE A 30 -4.20 4.73 2.35
N CYS A 1 8.54 2.62 -2.44
CA CYS A 1 7.35 3.24 -1.86
C CYS A 1 6.29 3.47 -2.93
N VAL A 2 5.07 3.77 -2.49
CA VAL A 2 3.96 4.00 -3.41
C VAL A 2 2.97 5.01 -2.84
N PRO A 3 2.52 5.95 -3.67
CA PRO A 3 1.56 6.98 -3.26
C PRO A 3 0.17 6.41 -2.98
N GLN A 4 -0.67 6.40 -4.02
CA GLN A 4 -2.03 5.88 -3.89
C GLN A 4 -2.48 5.20 -5.17
N TYR A 5 -3.31 4.16 -5.02
CA TYR A 5 -3.80 3.43 -6.17
C TYR A 5 -2.65 2.86 -7.02
N GLY A 6 -1.67 2.30 -6.33
CA GLY A 6 -0.52 1.74 -7.03
C GLY A 6 -0.44 0.23 -6.89
N VAL A 7 -1.57 -0.40 -6.62
CA VAL A 7 -1.62 -1.85 -6.46
C VAL A 7 -0.36 -2.37 -5.79
N CYS A 8 -0.36 -2.36 -4.46
CA CYS A 8 0.79 -2.83 -3.70
C CYS A 8 0.44 -4.09 -2.91
N ASP A 9 1.45 -4.70 -2.29
CA ASP A 9 1.23 -5.90 -1.49
C ASP A 9 2.36 -6.09 -0.48
N GLY A 10 2.01 -6.10 0.79
CA GLY A 10 3.01 -6.26 1.83
C GLY A 10 2.68 -5.48 3.09
N ILE A 11 3.24 -5.90 4.22
CA ILE A 11 3.00 -5.22 5.49
C ILE A 11 4.24 -4.49 5.96
N ILE A 12 5.41 -4.97 5.56
CA ILE A 12 6.68 -4.35 5.94
C ILE A 12 7.09 -3.28 4.93
N ASN A 13 6.78 -3.52 3.65
CA ASN A 13 7.12 -2.57 2.60
C ASN A 13 6.31 -2.87 1.33
N GLN A 14 5.75 -1.81 0.74
CA GLN A 14 4.96 -1.96 -0.47
C GLN A 14 4.44 -0.60 -0.95
N CYS A 15 4.19 0.29 -0.02
CA CYS A 15 3.69 1.62 -0.34
C CYS A 15 4.42 2.69 0.48
N CYS A 16 3.87 3.91 0.48
CA CYS A 16 4.46 5.01 1.22
C CYS A 16 3.40 5.72 2.06
N ASP A 17 3.84 6.27 3.20
CA ASP A 17 2.93 6.98 4.09
C ASP A 17 2.41 8.24 3.44
N PRO A 18 1.25 8.72 3.92
CA PRO A 18 0.51 8.06 5.00
C PRO A 18 -0.09 6.73 4.57
N TYR A 19 -0.14 6.49 3.26
CA TYR A 19 -0.68 5.26 2.71
C TYR A 19 0.14 4.06 3.15
N TYR A 20 -0.37 2.87 2.89
CA TYR A 20 0.32 1.63 3.26
C TYR A 20 -0.49 0.40 2.84
N CYS A 21 -1.18 0.52 1.70
CA CYS A 21 -1.99 -0.57 1.19
C CYS A 21 -3.16 -0.87 2.12
N SER A 22 -4.32 -1.13 1.53
CA SER A 22 -5.52 -1.42 2.31
C SER A 22 -6.74 -1.54 1.41
N PRO A 23 -7.87 -1.97 2.00
CA PRO A 23 -7.95 -2.29 3.42
C PRO A 23 -7.18 -3.57 3.76
N PRO A 24 -7.15 -4.51 2.82
CA PRO A 24 -6.45 -5.79 2.99
C PRO A 24 -4.93 -5.62 3.03
N ILE A 25 -4.22 -6.73 2.86
CA ILE A 25 -2.76 -6.70 2.87
C ILE A 25 -2.21 -6.48 1.46
N TYR A 26 -2.84 -7.10 0.47
CA TYR A 26 -2.42 -6.96 -0.92
C TYR A 26 -3.52 -6.34 -1.77
N GLY A 27 -3.54 -5.01 -1.82
CA GLY A 27 -4.54 -4.32 -2.60
C GLY A 27 -4.06 -2.97 -3.10
N HIS A 28 -4.79 -1.91 -2.77
CA HIS A 28 -4.44 -0.56 -3.19
C HIS A 28 -3.89 0.24 -2.02
N CYS A 29 -2.98 1.18 -2.31
CA CYS A 29 -2.38 2.01 -1.28
C CYS A 29 -3.39 3.03 -0.76
N ILE A 30 -3.66 2.97 0.55
CA ILE A 30 -4.60 3.88 1.17
C ILE A 30 -3.99 4.53 2.41
N CYS A 1 8.76 3.28 -2.64
CA CYS A 1 7.46 3.33 -1.98
C CYS A 1 6.38 3.78 -2.95
N VAL A 2 5.19 3.20 -2.82
CA VAL A 2 4.06 3.54 -3.67
C VAL A 2 3.17 4.60 -3.02
N PRO A 3 2.75 5.60 -3.82
CA PRO A 3 1.89 6.68 -3.34
C PRO A 3 0.48 6.21 -3.01
N GLN A 4 -0.40 6.29 -4.00
CA GLN A 4 -1.79 5.87 -3.82
C GLN A 4 -2.36 5.29 -5.11
N TYR A 5 -3.24 4.31 -4.98
CA TYR A 5 -3.85 3.67 -6.14
C TYR A 5 -2.79 3.06 -7.05
N GLY A 6 -1.79 2.43 -6.44
CA GLY A 6 -0.72 1.81 -7.20
C GLY A 6 -0.66 0.31 -6.99
N VAL A 7 -1.79 -0.29 -6.68
CA VAL A 7 -1.86 -1.73 -6.45
C VAL A 7 -0.59 -2.24 -5.77
N CYS A 8 -0.54 -2.11 -4.45
CA CYS A 8 0.61 -2.54 -3.67
C CYS A 8 0.32 -3.86 -2.97
N ASP A 9 1.36 -4.49 -2.42
CA ASP A 9 1.21 -5.75 -1.71
C ASP A 9 2.34 -5.94 -0.70
N GLY A 10 1.97 -6.05 0.57
CA GLY A 10 2.97 -6.24 1.62
C GLY A 10 2.51 -5.70 2.96
N ILE A 11 3.22 -6.08 4.02
CA ILE A 11 2.87 -5.63 5.36
C ILE A 11 3.87 -4.59 5.86
N ILE A 12 5.16 -4.87 5.65
CA ILE A 12 6.21 -3.95 6.09
C ILE A 12 6.45 -2.86 5.04
N ASN A 13 6.95 -3.28 3.88
CA ASN A 13 7.23 -2.34 2.80
C ASN A 13 6.47 -2.71 1.54
N GLN A 14 5.80 -1.74 0.93
CA GLN A 14 5.03 -1.97 -0.28
C GLN A 14 4.38 -0.67 -0.77
N CYS A 15 4.15 0.25 0.16
CA CYS A 15 3.54 1.53 -0.18
C CYS A 15 4.30 2.68 0.46
N CYS A 16 3.66 3.85 0.49
CA CYS A 16 4.29 5.04 1.07
C CYS A 16 3.29 5.81 1.94
N ASP A 17 3.77 6.31 3.07
CA ASP A 17 2.92 7.07 3.99
C ASP A 17 2.38 8.32 3.31
N PRO A 18 1.23 8.80 3.81
CA PRO A 18 0.51 8.18 4.93
C PRO A 18 -0.09 6.84 4.56
N TYR A 19 -0.13 6.54 3.25
CA TYR A 19 -0.69 5.29 2.76
C TYR A 19 0.14 4.11 3.24
N TYR A 20 -0.41 2.90 3.06
CA TYR A 20 0.27 1.69 3.47
C TYR A 20 -0.51 0.45 3.04
N CYS A 21 -1.16 0.54 1.89
CA CYS A 21 -1.95 -0.57 1.36
C CYS A 21 -3.13 -0.87 2.28
N SER A 22 -4.28 -1.17 1.67
CA SER A 22 -5.48 -1.47 2.42
C SER A 22 -6.69 -1.60 1.49
N PRO A 23 -7.83 -2.05 2.04
CA PRO A 23 -7.92 -2.43 3.46
C PRO A 23 -7.13 -3.69 3.79
N PRO A 24 -7.08 -4.61 2.82
CA PRO A 24 -6.37 -5.88 2.98
C PRO A 24 -4.85 -5.70 3.01
N ILE A 25 -4.12 -6.78 2.77
CA ILE A 25 -2.66 -6.73 2.76
C ILE A 25 -2.11 -6.56 1.35
N TYR A 26 -2.77 -7.21 0.39
CA TYR A 26 -2.34 -7.13 -1.01
C TYR A 26 -3.43 -6.46 -1.86
N GLY A 27 -3.50 -5.14 -1.78
CA GLY A 27 -4.49 -4.41 -2.55
C GLY A 27 -3.96 -3.09 -3.07
N HIS A 28 -4.59 -2.00 -2.67
CA HIS A 28 -4.18 -0.67 -3.11
C HIS A 28 -3.72 0.18 -1.92
N CYS A 29 -2.83 1.13 -2.19
CA CYS A 29 -2.31 2.00 -1.14
C CYS A 29 -3.38 2.98 -0.66
N ILE A 30 -3.62 3.01 0.65
CA ILE A 30 -4.61 3.89 1.23
C ILE A 30 -4.06 4.61 2.45
N CYS A 1 8.66 2.99 -2.73
CA CYS A 1 7.36 3.09 -2.07
C CYS A 1 6.29 3.55 -3.04
N VAL A 2 5.06 3.06 -2.85
CA VAL A 2 3.95 3.43 -3.71
C VAL A 2 3.09 4.51 -3.06
N PRO A 3 2.70 5.51 -3.87
CA PRO A 3 1.87 6.62 -3.40
C PRO A 3 0.44 6.17 -3.07
N GLN A 4 -0.45 6.29 -4.06
CA GLN A 4 -1.84 5.91 -3.87
C GLN A 4 -2.43 5.34 -5.16
N TYR A 5 -3.32 4.36 -5.04
CA TYR A 5 -3.95 3.73 -6.19
C TYR A 5 -2.89 3.13 -7.11
N GLY A 6 -1.90 2.48 -6.52
CA GLY A 6 -0.84 1.86 -7.30
C GLY A 6 -0.75 0.37 -7.07
N VAL A 7 -1.88 -0.25 -6.74
CA VAL A 7 -1.93 -1.69 -6.49
C VAL A 7 -0.65 -2.16 -5.81
N CYS A 8 -0.60 -2.00 -4.49
CA CYS A 8 0.58 -2.41 -3.71
C CYS A 8 0.31 -3.74 -3.00
N ASP A 9 1.37 -4.33 -2.45
CA ASP A 9 1.26 -5.59 -1.74
C ASP A 9 2.40 -5.76 -0.74
N GLY A 10 2.05 -5.88 0.53
CA GLY A 10 3.05 -6.05 1.57
C GLY A 10 2.54 -5.67 2.94
N ILE A 11 3.28 -6.06 3.97
CA ILE A 11 2.89 -5.76 5.35
C ILE A 11 3.85 -4.76 5.98
N ILE A 12 5.14 -4.98 5.78
CA ILE A 12 6.17 -4.10 6.33
C ILE A 12 6.52 -2.99 5.35
N ASN A 13 7.08 -3.37 4.20
CA ASN A 13 7.46 -2.41 3.17
C ASN A 13 6.73 -2.68 1.87
N GLN A 14 6.21 -1.62 1.26
CA GLN A 14 5.47 -1.75 0.01
C GLN A 14 4.99 -0.39 -0.48
N CYS A 15 3.94 0.13 0.17
CA CYS A 15 3.38 1.42 -0.19
C CYS A 15 4.20 2.56 0.40
N CYS A 16 3.61 3.75 0.44
CA CYS A 16 4.29 4.92 0.97
C CYS A 16 3.35 5.72 1.88
N ASP A 17 3.88 6.19 3.00
CA ASP A 17 3.10 6.98 3.94
C ASP A 17 2.55 8.24 3.29
N PRO A 18 1.41 8.73 3.79
CA PRO A 18 0.71 8.09 4.92
C PRO A 18 0.09 6.75 4.53
N TYR A 19 -0.09 6.54 3.23
CA TYR A 19 -0.68 5.29 2.74
C TYR A 19 0.12 4.09 3.23
N TYR A 20 -0.46 2.90 3.06
CA TYR A 20 0.19 1.67 3.49
C TYR A 20 -0.60 0.45 3.02
N CYS A 21 -1.27 0.59 1.88
CA CYS A 21 -2.06 -0.50 1.31
C CYS A 21 -3.22 -0.85 2.24
N SER A 22 -4.37 -1.16 1.63
CA SER A 22 -5.56 -1.52 2.40
C SER A 22 -6.77 -1.67 1.48
N PRO A 23 -7.88 -2.17 2.06
CA PRO A 23 -7.94 -2.54 3.47
C PRO A 23 -7.11 -3.78 3.78
N PRO A 24 -7.04 -4.71 2.82
CA PRO A 24 -6.29 -5.95 2.97
C PRO A 24 -4.78 -5.72 2.99
N ILE A 25 -4.02 -6.77 2.76
CA ILE A 25 -2.56 -6.68 2.74
C ILE A 25 -2.04 -6.48 1.33
N TYR A 26 -2.67 -7.15 0.37
CA TYR A 26 -2.27 -7.04 -1.03
C TYR A 26 -3.37 -6.40 -1.87
N GLY A 27 -3.47 -5.08 -1.78
CA GLY A 27 -4.48 -4.36 -2.54
C GLY A 27 -3.98 -3.04 -3.07
N HIS A 28 -4.64 -1.95 -2.67
CA HIS A 28 -4.25 -0.61 -3.11
C HIS A 28 -3.82 0.24 -1.92
N CYS A 29 -2.93 1.19 -2.18
CA CYS A 29 -2.44 2.08 -1.14
C CYS A 29 -3.52 3.07 -0.70
N ILE A 30 -3.77 3.11 0.60
CA ILE A 30 -4.79 4.01 1.15
C ILE A 30 -4.26 4.76 2.37
N CYS A 1 8.69 3.24 -2.65
CA CYS A 1 7.39 3.28 -1.98
C CYS A 1 6.31 3.76 -2.94
N VAL A 2 5.12 3.17 -2.82
CA VAL A 2 4.00 3.54 -3.67
C VAL A 2 3.11 4.57 -2.99
N PRO A 3 2.70 5.59 -3.76
CA PRO A 3 1.84 6.66 -3.26
C PRO A 3 0.41 6.18 -2.98
N GLN A 4 -0.45 6.29 -3.97
CA GLN A 4 -1.84 5.87 -3.84
C GLN A 4 -2.36 5.28 -5.14
N TYR A 5 -3.25 4.29 -5.02
CA TYR A 5 -3.83 3.64 -6.18
C TYR A 5 -2.75 3.04 -7.07
N GLY A 6 -1.77 2.39 -6.43
CA GLY A 6 -0.69 1.77 -7.17
C GLY A 6 -0.60 0.28 -6.95
N VAL A 7 -1.74 -0.34 -6.64
CA VAL A 7 -1.79 -1.78 -6.40
C VAL A 7 -0.53 -2.26 -5.69
N CYS A 8 -0.53 -2.16 -4.37
CA CYS A 8 0.62 -2.57 -3.57
C CYS A 8 0.31 -3.89 -2.84
N ASP A 9 1.34 -4.45 -2.20
CA ASP A 9 1.18 -5.69 -1.46
C ASP A 9 2.32 -5.88 -0.47
N GLY A 10 1.97 -5.98 0.82
CA GLY A 10 2.98 -6.16 1.84
C GLY A 10 2.76 -5.24 3.03
N ILE A 11 3.31 -5.62 4.18
CA ILE A 11 3.19 -4.81 5.39
C ILE A 11 4.54 -4.27 5.84
N ILE A 12 5.60 -5.00 5.52
CA ILE A 12 6.95 -4.59 5.88
C ILE A 12 7.43 -3.45 5.00
N ASN A 13 7.03 -3.47 3.74
CA ASN A 13 7.44 -2.44 2.78
C ASN A 13 6.74 -2.65 1.44
N GLN A 14 6.23 -1.56 0.87
CA GLN A 14 5.55 -1.62 -0.42
C GLN A 14 4.98 -0.26 -0.80
N CYS A 15 4.09 0.25 0.02
CA CYS A 15 3.47 1.55 -0.22
C CYS A 15 4.27 2.67 0.43
N CYS A 16 3.65 3.85 0.53
CA CYS A 16 4.32 5.01 1.14
C CYS A 16 3.36 5.75 2.06
N ASP A 17 3.86 6.15 3.22
CA ASP A 17 3.05 6.88 4.19
C ASP A 17 2.50 8.17 3.59
N PRO A 18 1.33 8.58 4.06
CA PRO A 18 0.59 7.87 5.11
C PRO A 18 0.03 6.55 4.61
N TYR A 19 -0.16 6.44 3.30
CA TYR A 19 -0.70 5.24 2.69
C TYR A 19 0.07 4.00 3.17
N TYR A 20 -0.56 2.83 3.02
CA TYR A 20 0.06 1.58 3.44
C TYR A 20 -0.75 0.38 2.96
N CYS A 21 -1.41 0.53 1.81
CA CYS A 21 -2.23 -0.53 1.26
C CYS A 21 -3.42 -0.83 2.15
N SER A 22 -4.55 -1.14 1.53
CA SER A 22 -5.77 -1.45 2.28
C SER A 22 -6.96 -1.62 1.33
N PRO A 23 -8.09 -2.10 1.88
CA PRO A 23 -8.20 -2.42 3.30
C PRO A 23 -7.39 -3.65 3.68
N PRO A 24 -7.29 -4.61 2.73
CA PRO A 24 -6.53 -5.85 2.95
C PRO A 24 -5.04 -5.62 3.01
N ILE A 25 -4.26 -6.69 2.81
CA ILE A 25 -2.81 -6.59 2.84
C ILE A 25 -2.24 -6.46 1.44
N TYR A 26 -2.86 -7.13 0.48
CA TYR A 26 -2.41 -7.09 -0.90
C TYR A 26 -3.46 -6.46 -1.80
N GLY A 27 -3.56 -5.13 -1.74
CA GLY A 27 -4.53 -4.42 -2.55
C GLY A 27 -3.99 -3.11 -3.09
N HIS A 28 -4.65 -2.01 -2.75
CA HIS A 28 -4.23 -0.69 -3.20
C HIS A 28 -3.82 0.19 -2.02
N CYS A 29 -2.88 1.09 -2.26
CA CYS A 29 -2.40 2.00 -1.22
C CYS A 29 -3.49 2.99 -0.81
N ILE A 30 -3.75 3.08 0.48
CA ILE A 30 -4.76 3.99 1.00
C ILE A 30 -4.23 4.79 2.18
N CYS A 1 8.73 3.31 -2.77
CA CYS A 1 7.45 3.32 -2.07
C CYS A 1 6.34 3.82 -2.99
N VAL A 2 5.17 3.19 -2.90
CA VAL A 2 4.03 3.57 -3.72
C VAL A 2 3.17 4.61 -3.02
N PRO A 3 2.74 5.63 -3.79
CA PRO A 3 1.91 6.72 -3.27
C PRO A 3 0.50 6.25 -2.92
N GLN A 4 -0.41 6.36 -3.88
CA GLN A 4 -1.80 5.94 -3.67
C GLN A 4 -2.40 5.39 -4.96
N TYR A 5 -3.41 4.53 -4.81
CA TYR A 5 -4.07 3.94 -5.97
C TYR A 5 -3.11 3.04 -6.74
N GLY A 6 -1.98 2.72 -6.12
CA GLY A 6 -1.00 1.88 -6.78
C GLY A 6 -0.99 0.46 -6.24
N VAL A 7 -1.36 -0.50 -7.09
CA VAL A 7 -1.41 -1.90 -6.70
C VAL A 7 -0.18 -2.28 -5.88
N CYS A 8 -0.36 -2.44 -4.57
CA CYS A 8 0.73 -2.80 -3.68
C CYS A 8 0.40 -4.08 -2.91
N ASP A 9 1.42 -4.64 -2.26
CA ASP A 9 1.24 -5.87 -1.48
C ASP A 9 2.35 -6.02 -0.45
N GLY A 10 2.01 -5.85 0.81
CA GLY A 10 3.00 -5.98 1.87
C GLY A 10 2.62 -5.21 3.11
N ILE A 11 3.20 -5.59 4.25
CA ILE A 11 2.91 -4.93 5.52
C ILE A 11 4.03 -3.96 5.89
N ILE A 12 5.27 -4.40 5.72
CA ILE A 12 6.43 -3.58 6.04
C ILE A 12 6.77 -2.64 4.88
N ASN A 13 7.13 -3.22 3.75
CA ASN A 13 7.48 -2.44 2.57
C ASN A 13 6.61 -2.84 1.37
N GLN A 14 5.93 -1.85 0.80
CA GLN A 14 5.06 -2.09 -0.35
C GLN A 14 4.44 -0.80 -0.85
N CYS A 15 4.15 0.11 0.08
CA CYS A 15 3.55 1.40 -0.26
C CYS A 15 4.33 2.54 0.37
N CYS A 16 3.69 3.71 0.45
CA CYS A 16 4.32 4.89 1.03
C CYS A 16 3.36 5.62 1.96
N ASP A 17 3.85 6.03 3.12
CA ASP A 17 3.03 6.73 4.09
C ASP A 17 2.47 8.03 3.50
N PRO A 18 1.34 8.49 4.05
CA PRO A 18 0.66 7.81 5.16
C PRO A 18 0.03 6.49 4.74
N TYR A 19 -0.11 6.31 3.43
CA TYR A 19 -0.71 5.09 2.89
C TYR A 19 0.09 3.86 3.32
N TYR A 20 -0.47 2.68 3.08
CA TYR A 20 0.17 1.43 3.45
C TYR A 20 -0.64 0.23 2.98
N CYS A 21 -1.24 0.36 1.80
CA CYS A 21 -2.05 -0.72 1.24
C CYS A 21 -3.28 -0.98 2.11
N SER A 22 -4.37 -1.38 1.47
CA SER A 22 -5.62 -1.66 2.18
C SER A 22 -6.75 -1.97 1.21
N PRO A 23 -7.92 -2.33 1.75
CA PRO A 23 -8.12 -2.43 3.20
C PRO A 23 -7.35 -3.60 3.81
N PRO A 24 -7.20 -4.68 3.03
CA PRO A 24 -6.50 -5.88 3.49
C PRO A 24 -4.99 -5.65 3.63
N ILE A 25 -4.25 -5.92 2.56
CA ILE A 25 -2.80 -5.74 2.58
C ILE A 25 -2.22 -5.87 1.17
N TYR A 26 -2.81 -6.74 0.36
CA TYR A 26 -2.35 -6.94 -1.01
C TYR A 26 -3.36 -6.40 -2.00
N GLY A 27 -3.52 -5.08 -2.01
CA GLY A 27 -4.46 -4.45 -2.93
C GLY A 27 -4.00 -3.08 -3.39
N HIS A 28 -4.69 -2.04 -2.93
CA HIS A 28 -4.33 -0.68 -3.30
C HIS A 28 -3.80 0.10 -2.10
N CYS A 29 -2.91 1.04 -2.35
CA CYS A 29 -2.32 1.85 -1.29
C CYS A 29 -3.34 2.86 -0.75
N ILE A 30 -3.63 2.76 0.54
CA ILE A 30 -4.57 3.67 1.18
C ILE A 30 -3.99 4.28 2.45
N CYS A 1 8.37 2.28 -2.41
CA CYS A 1 7.23 2.97 -1.84
C CYS A 1 6.15 3.19 -2.90
N VAL A 2 4.95 3.52 -2.44
CA VAL A 2 3.83 3.76 -3.36
C VAL A 2 2.84 4.77 -2.76
N PRO A 3 2.39 5.72 -3.60
CA PRO A 3 1.44 6.75 -3.20
C PRO A 3 0.05 6.18 -2.92
N GLN A 4 -0.80 6.19 -3.94
CA GLN A 4 -2.16 5.69 -3.80
C GLN A 4 -2.65 5.08 -5.12
N TYR A 5 -3.52 4.08 -5.02
CA TYR A 5 -4.06 3.42 -6.20
C TYR A 5 -2.95 2.81 -7.04
N GLY A 6 -1.83 2.48 -6.38
CA GLY A 6 -0.72 1.89 -7.09
C GLY A 6 -0.65 0.38 -6.92
N VAL A 7 -1.78 -0.22 -6.58
CA VAL A 7 -1.85 -1.66 -6.39
C VAL A 7 -0.58 -2.19 -5.75
N CYS A 8 -0.52 -2.13 -4.42
CA CYS A 8 0.64 -2.61 -3.68
C CYS A 8 0.32 -3.89 -2.92
N ASP A 9 1.35 -4.53 -2.39
CA ASP A 9 1.18 -5.77 -1.63
C ASP A 9 2.31 -5.96 -0.63
N GLY A 10 1.96 -5.98 0.65
CA GLY A 10 2.95 -6.15 1.69
C GLY A 10 2.52 -5.54 3.01
N ILE A 11 3.09 -6.04 4.10
CA ILE A 11 2.77 -5.54 5.43
C ILE A 11 3.81 -4.53 5.91
N ILE A 12 5.07 -4.83 5.67
CA ILE A 12 6.17 -3.95 6.08
C ILE A 12 6.49 -2.94 4.99
N ASN A 13 6.93 -3.44 3.84
CA ASN A 13 7.26 -2.58 2.71
C ASN A 13 6.40 -2.90 1.49
N GLN A 14 5.76 -1.88 0.93
CA GLN A 14 4.91 -2.06 -0.23
C GLN A 14 4.39 -0.72 -0.73
N CYS A 15 4.14 0.20 0.20
CA CYS A 15 3.62 1.52 -0.14
C CYS A 15 4.39 2.60 0.61
N CYS A 16 3.85 3.82 0.58
CA CYS A 16 4.49 4.94 1.26
C CYS A 16 3.47 5.73 2.09
N ASP A 17 3.96 6.47 3.08
CA ASP A 17 3.09 7.26 3.94
C ASP A 17 2.54 8.47 3.20
N PRO A 18 1.41 9.00 3.68
CA PRO A 18 0.72 8.45 4.85
C PRO A 18 0.09 7.09 4.57
N TYR A 19 0.02 6.72 3.29
CA TYR A 19 -0.56 5.45 2.88
C TYR A 19 0.28 4.28 3.39
N TYR A 20 -0.19 3.07 3.14
CA TYR A 20 0.52 1.87 3.58
C TYR A 20 -0.23 0.60 3.15
N CYS A 21 -0.82 0.66 1.96
CA CYS A 21 -1.56 -0.47 1.42
C CYS A 21 -2.80 -0.77 2.28
N SER A 22 -3.92 -1.03 1.61
CA SER A 22 -5.17 -1.33 2.31
C SER A 22 -6.34 -1.34 1.34
N PRO A 23 -7.51 -1.74 1.85
CA PRO A 23 -7.69 -2.14 3.24
C PRO A 23 -7.00 -3.46 3.55
N PRO A 24 -6.97 -4.36 2.56
CA PRO A 24 -6.34 -5.68 2.71
C PRO A 24 -4.82 -5.59 2.81
N ILE A 25 -4.15 -6.71 2.56
CA ILE A 25 -2.69 -6.75 2.62
C ILE A 25 -2.08 -6.70 1.22
N TYR A 26 -2.78 -7.29 0.25
CA TYR A 26 -2.31 -7.30 -1.12
C TYR A 26 -3.33 -6.67 -2.06
N GLY A 27 -3.52 -5.36 -1.93
CA GLY A 27 -4.46 -4.66 -2.76
C GLY A 27 -3.95 -3.32 -3.23
N HIS A 28 -4.63 -2.25 -2.84
CA HIS A 28 -4.22 -0.91 -3.23
C HIS A 28 -3.55 -0.18 -2.07
N CYS A 29 -3.19 1.08 -2.29
CA CYS A 29 -2.54 1.89 -1.26
C CYS A 29 -3.49 2.94 -0.71
N ILE A 30 -3.72 2.89 0.60
CA ILE A 30 -4.61 3.84 1.25
C ILE A 30 -3.95 4.48 2.47
#